data_5JV3
#
_entry.id   5JV3
#
_cell.length_a   34.839
_cell.length_b   59.502
_cell.length_c   72.664
_cell.angle_alpha   90.00
_cell.angle_beta   100.58
_cell.angle_gamma   90.00
#
_symmetry.space_group_name_H-M   'P 1 21 1'
#
loop_
_entity.id
_entity.type
_entity.pdbx_description
1 polymer 'Chimera protein of Kinesin-like protein KIF11 and Microtubule-associated protein RP/EB family member 1'
2 non-polymer 'CALCIUM ION'
3 water water
#
_entity_poly.entity_id   1
_entity_poly.type   'polypeptide(L)'
_entity_poly.pdbx_seq_one_letter_code
;LSNQKLTKKALIKEYTEEIERLKRDLAALEKERDFYFGKLRNIELICQENEGENDPVLQRIVDILYATDEGFVIPD
;
_entity_poly.pdbx_strand_id   A,B,C,D
#
loop_
_chem_comp.id
_chem_comp.type
_chem_comp.name
_chem_comp.formula
CA non-polymer 'CALCIUM ION' 'Ca 2'
#
# COMPACT_ATOMS: atom_id res chain seq x y z
N LYS A 8 -33.12 21.00 -37.84
CA LYS A 8 -33.23 21.48 -36.46
C LYS A 8 -33.73 20.37 -35.52
N LYS A 9 -34.82 19.71 -35.91
CA LYS A 9 -35.39 18.67 -35.07
C LYS A 9 -34.45 17.48 -34.94
N ALA A 10 -33.72 17.15 -36.02
CA ALA A 10 -32.81 16.01 -35.97
C ALA A 10 -31.63 16.29 -35.06
N LEU A 11 -31.13 17.53 -35.05
CA LEU A 11 -30.01 17.88 -34.17
C LEU A 11 -30.42 17.80 -32.71
N ILE A 12 -31.58 18.37 -32.36
CA ILE A 12 -32.06 18.30 -30.99
C ILE A 12 -32.25 16.85 -30.57
N LYS A 13 -32.74 16.01 -31.48
CA LYS A 13 -32.95 14.59 -31.16
C LYS A 13 -31.62 13.91 -30.84
N GLU A 14 -30.56 14.26 -31.57
CA GLU A 14 -29.28 13.61 -31.36
C GLU A 14 -28.62 14.08 -30.06
N TYR A 15 -28.67 15.39 -29.79
CA TYR A 15 -27.99 15.91 -28.61
C TYR A 15 -28.70 15.53 -27.32
N THR A 16 -30.04 15.55 -27.31
CA THR A 16 -30.76 15.17 -26.10
C THR A 16 -30.58 13.70 -25.77
N GLU A 17 -30.45 12.84 -26.79
CA GLU A 17 -30.14 11.44 -26.53
C GLU A 17 -28.72 11.29 -25.99
N GLU A 18 -27.79 12.08 -26.50
CA GLU A 18 -26.43 12.04 -25.98
C GLU A 18 -26.37 12.59 -24.56
N ILE A 19 -27.13 13.64 -24.27
CA ILE A 19 -27.16 14.20 -22.92
C ILE A 19 -27.79 13.21 -21.94
N GLU A 20 -28.88 12.55 -22.36
CA GLU A 20 -29.53 11.57 -21.50
C GLU A 20 -28.60 10.41 -21.19
N ARG A 21 -27.78 10.00 -22.15
CA ARG A 21 -26.83 8.92 -21.90
C ARG A 21 -25.74 9.35 -20.94
N LEU A 22 -25.23 10.57 -21.10
CA LEU A 22 -24.18 11.05 -20.21
C LEU A 22 -24.69 11.21 -18.78
N LYS A 23 -25.94 11.70 -18.63
CA LYS A 23 -26.49 11.86 -17.29
C LYS A 23 -26.75 10.52 -16.61
N ARG A 24 -27.07 9.48 -17.38
CA ARG A 24 -27.23 8.15 -16.79
C ARG A 24 -25.89 7.58 -16.35
N ASP A 25 -24.84 7.78 -17.17
CA ASP A 25 -23.50 7.35 -16.77
C ASP A 25 -22.98 8.15 -15.58
N LEU A 26 -23.35 9.44 -15.49
CA LEU A 26 -22.93 10.24 -14.34
C LEU A 26 -23.58 9.75 -13.06
N ALA A 27 -24.88 9.41 -13.13
CA ALA A 27 -25.57 8.94 -11.94
C ALA A 27 -25.01 7.60 -11.47
N ALA A 28 -24.69 6.71 -12.41
CA ALA A 28 -24.13 5.42 -12.04
C ALA A 28 -22.71 5.56 -11.50
N LEU A 29 -21.94 6.50 -12.04
CA LEU A 29 -20.56 6.68 -11.60
C LEU A 29 -20.51 7.31 -10.21
N GLU A 30 -21.36 8.31 -9.96
CA GLU A 30 -21.38 8.94 -8.64
C GLU A 30 -21.90 7.97 -7.58
N LYS A 31 -22.88 7.14 -7.95
CA LYS A 31 -23.35 6.10 -7.03
C LYS A 31 -22.23 5.13 -6.68
N GLU A 32 -21.41 4.77 -7.68
CA GLU A 32 -20.27 3.89 -7.42
C GLU A 32 -19.22 4.59 -6.57
N ARG A 33 -19.01 5.89 -6.81
N ARG A 33 -19.01 5.89 -6.81
CA ARG A 33 -18.03 6.63 -6.02
CA ARG A 33 -18.03 6.63 -6.02
C ARG A 33 -18.44 6.71 -4.56
C ARG A 33 -18.44 6.72 -4.55
N ASP A 34 -19.70 7.06 -4.30
CA ASP A 34 -20.19 7.12 -2.92
C ASP A 34 -20.16 5.75 -2.28
N PHE A 35 -20.37 4.70 -3.07
CA PHE A 35 -20.33 3.33 -2.56
C PHE A 35 -18.93 2.99 -2.06
N TYR A 36 -17.90 3.31 -2.85
CA TYR A 36 -16.53 3.03 -2.43
C TYR A 36 -16.09 3.93 -1.29
N PHE A 37 -16.52 5.20 -1.30
CA PHE A 37 -16.14 6.11 -0.23
C PHE A 37 -16.74 5.67 1.10
N GLY A 38 -17.95 5.10 1.07
CA GLY A 38 -18.55 4.59 2.29
C GLY A 38 -17.77 3.43 2.88
N LYS A 39 -17.21 2.57 2.01
CA LYS A 39 -16.38 1.48 2.49
C LYS A 39 -15.14 2.00 3.20
N LEU A 40 -14.46 2.98 2.58
CA LEU A 40 -13.24 3.53 3.17
C LEU A 40 -13.52 4.17 4.52
N ARG A 41 -14.64 4.87 4.65
CA ARG A 41 -14.96 5.53 5.92
C ARG A 41 -15.30 4.52 7.01
N ASN A 42 -15.99 3.43 6.65
CA ASN A 42 -16.25 2.39 7.62
C ASN A 42 -14.98 1.67 8.01
N ILE A 43 -14.05 1.46 7.06
CA ILE A 43 -12.77 0.88 7.40
C ILE A 43 -11.95 1.84 8.24
N GLU A 44 -12.01 3.14 7.91
CA GLU A 44 -11.37 4.15 8.73
C GLU A 44 -11.89 4.13 10.16
N LEU A 45 -13.20 3.90 10.31
CA LEU A 45 -13.80 3.82 11.64
C LEU A 45 -13.26 2.63 12.43
N ILE A 46 -13.12 1.48 11.76
CA ILE A 46 -12.61 0.29 12.44
C ILE A 46 -11.17 0.49 12.87
N CYS A 47 -10.35 1.11 12.02
CA CYS A 47 -8.96 1.36 12.38
C CYS A 47 -8.85 2.29 13.58
N GLN A 48 -9.77 3.25 13.71
CA GLN A 48 -9.74 4.15 14.86
C GLN A 48 -10.22 3.46 16.13
N GLU A 49 -11.18 2.55 16.01
CA GLU A 49 -11.67 1.83 17.19
C GLU A 49 -10.58 0.92 17.77
N ASN A 50 -9.87 0.19 16.90
CA ASN A 50 -8.79 -0.69 17.32
C ASN A 50 -7.43 0.01 17.32
N GLU A 51 -7.41 1.32 17.52
CA GLU A 51 -6.17 2.09 17.52
C GLU A 51 -5.33 1.78 18.76
N ASP A 55 -1.18 -2.24 15.93
CA ASP A 55 -1.14 -3.39 15.05
C ASP A 55 -0.44 -3.03 13.74
N PRO A 56 0.65 -3.72 13.42
CA PRO A 56 1.38 -3.42 12.18
C PRO A 56 0.53 -3.60 10.93
N VAL A 57 -0.44 -4.50 10.93
CA VAL A 57 -1.29 -4.68 9.76
C VAL A 57 -2.24 -3.51 9.59
N LEU A 58 -2.84 -3.05 10.69
CA LEU A 58 -3.77 -1.92 10.61
C LEU A 58 -3.04 -0.63 10.27
N GLN A 59 -1.77 -0.49 10.68
CA GLN A 59 -1.03 0.72 10.37
C GLN A 59 -0.78 0.84 8.87
N ARG A 60 -0.51 -0.29 8.20
CA ARG A 60 -0.36 -0.27 6.76
C ARG A 60 -1.67 0.11 6.07
N ILE A 61 -2.81 -0.32 6.64
CA ILE A 61 -4.10 0.07 6.10
C ILE A 61 -4.35 1.55 6.33
N VAL A 62 -3.93 2.07 7.48
CA VAL A 62 -4.07 3.50 7.76
C VAL A 62 -3.23 4.32 6.79
N ASP A 63 -2.02 3.83 6.47
CA ASP A 63 -1.19 4.53 5.50
C ASP A 63 -1.86 4.62 4.14
N ILE A 64 -2.61 3.58 3.77
CA ILE A 64 -3.31 3.60 2.49
C ILE A 64 -4.47 4.59 2.52
N LEU A 65 -5.23 4.60 3.62
CA LEU A 65 -6.37 5.50 3.74
C LEU A 65 -5.95 6.95 3.54
N TYR A 66 -4.83 7.34 4.14
CA TYR A 66 -4.32 8.70 4.04
C TYR A 66 -3.01 8.76 3.26
N ALA A 67 -2.99 8.10 2.11
CA ALA A 67 -1.76 8.04 1.31
C ALA A 67 -1.35 9.43 0.84
N THR A 68 -2.31 10.23 0.39
CA THR A 68 -2.05 11.57 -0.12
C THR A 68 -2.33 12.65 0.93
N ASP A 69 -2.18 12.33 2.22
CA ASP A 69 -2.41 13.27 3.30
C ASP A 69 -1.09 13.89 3.72
N GLU A 70 -1.04 15.22 3.73
CA GLU A 70 0.17 15.96 4.10
C GLU A 70 0.13 16.46 5.54
N GLY A 71 -0.90 16.11 6.30
CA GLY A 71 -1.04 16.59 7.65
C GLY A 71 -0.11 15.89 8.64
N PHE A 72 -0.06 16.45 9.85
CA PHE A 72 0.76 15.92 10.93
C PHE A 72 2.23 15.88 10.53
N LYS B 8 -29.78 25.80 -36.12
CA LYS B 8 -29.36 26.99 -35.40
C LYS B 8 -27.95 26.84 -34.84
N LYS B 9 -27.15 27.90 -35.01
CA LYS B 9 -25.82 27.90 -34.41
C LYS B 9 -25.90 28.13 -32.90
N ALA B 10 -26.95 28.81 -32.43
CA ALA B 10 -27.16 29.02 -31.01
C ALA B 10 -27.81 27.82 -30.33
N LEU B 11 -28.39 26.90 -31.10
CA LEU B 11 -28.89 25.64 -30.55
C LEU B 11 -27.76 24.66 -30.35
N ILE B 12 -26.84 24.55 -31.31
CA ILE B 12 -25.69 23.66 -31.17
C ILE B 12 -24.80 24.13 -30.02
N LYS B 13 -24.61 25.45 -29.89
CA LYS B 13 -23.79 25.98 -28.81
C LYS B 13 -24.43 25.69 -27.45
N GLU B 14 -25.76 25.72 -27.37
CA GLU B 14 -26.43 25.41 -26.11
C GLU B 14 -26.23 23.95 -25.72
N TYR B 15 -26.23 23.05 -26.71
CA TYR B 15 -26.07 21.63 -26.44
C TYR B 15 -24.61 21.20 -26.37
N THR B 16 -23.72 21.84 -27.14
CA THR B 16 -22.30 21.50 -27.08
C THR B 16 -21.71 21.83 -25.71
N GLU B 17 -21.99 23.04 -25.21
CA GLU B 17 -21.46 23.43 -23.92
C GLU B 17 -22.08 22.65 -22.77
N GLU B 18 -23.28 22.10 -22.96
CA GLU B 18 -23.88 21.22 -21.96
C GLU B 18 -23.22 19.85 -21.97
N ILE B 19 -23.02 19.27 -23.15
CA ILE B 19 -22.31 18.00 -23.25
C ILE B 19 -20.88 18.15 -22.76
N GLU B 20 -20.23 19.26 -23.14
CA GLU B 20 -18.89 19.54 -22.65
C GLU B 20 -18.85 19.65 -21.13
N ARG B 21 -19.92 20.17 -20.52
CA ARG B 21 -19.98 20.25 -19.07
C ARG B 21 -20.12 18.86 -18.45
N LEU B 22 -20.98 18.03 -19.02
CA LEU B 22 -21.19 16.68 -18.49
C LEU B 22 -19.94 15.82 -18.64
N LYS B 23 -19.18 16.00 -19.72
CA LYS B 23 -17.97 15.20 -19.89
C LYS B 23 -16.89 15.59 -18.88
N ARG B 24 -16.83 16.87 -18.49
CA ARG B 24 -15.90 17.27 -17.45
C ARG B 24 -16.31 16.67 -16.10
N ASP B 25 -17.62 16.59 -15.84
CA ASP B 25 -18.09 15.95 -14.62
C ASP B 25 -17.79 14.47 -14.63
N LEU B 26 -17.92 13.81 -15.79
CA LEU B 26 -17.59 12.39 -15.88
C LEU B 26 -16.12 12.15 -15.61
N ALA B 27 -15.24 12.97 -16.20
CA ALA B 27 -13.81 12.79 -16.00
C ALA B 27 -13.41 13.02 -14.55
N ALA B 28 -14.05 14.00 -13.89
CA ALA B 28 -13.74 14.27 -12.48
C ALA B 28 -14.24 13.14 -11.59
N LEU B 29 -15.43 12.62 -11.85
CA LEU B 29 -15.96 11.52 -11.03
C LEU B 29 -15.15 10.25 -11.23
N GLU B 30 -14.75 9.95 -12.46
CA GLU B 30 -13.99 8.74 -12.71
C GLU B 30 -12.64 8.77 -11.99
N LYS B 31 -12.02 9.96 -11.93
CA LYS B 31 -10.77 10.09 -11.19
C LYS B 31 -10.99 9.86 -9.70
N GLU B 32 -12.11 10.35 -9.16
CA GLU B 32 -12.40 10.11 -7.75
C GLU B 32 -12.66 8.64 -7.47
N ARG B 33 -13.43 7.97 -8.34
CA ARG B 33 -13.74 6.56 -8.13
C ARG B 33 -12.49 5.71 -8.19
N ASP B 34 -11.65 5.93 -9.21
CA ASP B 34 -10.41 5.16 -9.31
C ASP B 34 -9.51 5.40 -8.11
N PHE B 35 -9.53 6.62 -7.56
CA PHE B 35 -8.75 6.92 -6.37
C PHE B 35 -9.23 6.09 -5.18
N TYR B 36 -10.54 6.07 -4.95
CA TYR B 36 -11.09 5.31 -3.84
C TYR B 36 -10.95 3.80 -4.07
N PHE B 37 -11.24 3.35 -5.30
CA PHE B 37 -11.14 1.93 -5.61
C PHE B 37 -9.71 1.43 -5.48
N GLY B 38 -8.73 2.26 -5.85
CA GLY B 38 -7.34 1.87 -5.68
C GLY B 38 -6.96 1.64 -4.24
N LYS B 39 -7.46 2.49 -3.34
CA LYS B 39 -7.23 2.28 -1.90
C LYS B 39 -7.83 0.96 -1.44
N LEU B 40 -9.09 0.71 -1.79
CA LEU B 40 -9.75 -0.52 -1.35
C LEU B 40 -9.06 -1.75 -1.90
N ARG B 41 -8.60 -1.68 -3.16
CA ARG B 41 -7.86 -2.80 -3.72
C ARG B 41 -6.55 -3.04 -2.97
N ASN B 42 -5.85 -1.96 -2.61
CA ASN B 42 -4.64 -2.13 -1.82
C ASN B 42 -4.95 -2.69 -0.44
N ILE B 43 -6.07 -2.29 0.15
CA ILE B 43 -6.46 -2.81 1.46
C ILE B 43 -6.84 -4.29 1.36
N GLU B 44 -7.53 -4.67 0.28
CA GLU B 44 -7.88 -6.08 0.08
C GLU B 44 -6.64 -6.95 0.01
N LEU B 45 -5.60 -6.49 -0.69
CA LEU B 45 -4.38 -7.29 -0.83
C LEU B 45 -3.66 -7.42 0.50
N ILE B 46 -3.68 -6.38 1.33
CA ILE B 46 -3.07 -6.48 2.64
C ILE B 46 -3.82 -7.49 3.51
N CYS B 47 -5.15 -7.48 3.43
CA CYS B 47 -5.93 -8.45 4.19
C CYS B 47 -5.71 -9.87 3.69
N GLN B 48 -5.54 -10.03 2.36
CA GLN B 48 -5.27 -11.35 1.81
C GLN B 48 -3.92 -11.87 2.25
N GLU B 49 -2.92 -10.99 2.39
CA GLU B 49 -1.60 -11.42 2.85
C GLU B 49 -1.60 -11.83 4.31
N ASN B 50 -2.60 -11.43 5.09
CA ASN B 50 -2.66 -11.73 6.51
C ASN B 50 -3.92 -12.49 6.90
N GLU B 51 -4.56 -13.16 5.95
CA GLU B 51 -5.81 -13.86 6.26
C GLU B 51 -5.59 -15.18 6.98
N GLY B 52 -4.37 -15.71 6.99
CA GLY B 52 -4.12 -16.98 7.64
C GLY B 52 -4.18 -16.95 9.15
N GLU B 53 -4.36 -15.76 9.74
CA GLU B 53 -4.43 -15.62 11.19
C GLU B 53 -5.86 -15.53 11.71
N ASN B 54 -6.85 -15.41 10.82
CA ASN B 54 -8.25 -15.26 11.22
C ASN B 54 -8.44 -14.11 12.20
N ASP B 55 -7.77 -13.00 11.93
CA ASP B 55 -7.88 -11.83 12.79
C ASP B 55 -9.30 -11.27 12.71
N PRO B 56 -10.02 -11.15 13.82
CA PRO B 56 -11.41 -10.66 13.75
C PRO B 56 -11.51 -9.24 13.21
N VAL B 57 -10.51 -8.39 13.47
CA VAL B 57 -10.56 -7.02 12.97
C VAL B 57 -10.36 -7.00 11.45
N LEU B 58 -9.41 -7.79 10.94
CA LEU B 58 -9.22 -7.85 9.50
C LEU B 58 -10.41 -8.48 8.80
N GLN B 59 -11.08 -9.44 9.44
CA GLN B 59 -12.27 -10.04 8.83
C GLN B 59 -13.39 -9.03 8.73
N ARG B 60 -13.52 -8.13 9.71
CA ARG B 60 -14.51 -7.06 9.62
C ARG B 60 -14.20 -6.14 8.44
N ILE B 61 -12.92 -5.83 8.23
CA ILE B 61 -12.54 -4.99 7.10
C ILE B 61 -12.85 -5.70 5.78
N VAL B 62 -12.57 -7.01 5.71
CA VAL B 62 -12.87 -7.78 4.51
C VAL B 62 -14.36 -7.80 4.25
N ASP B 63 -15.16 -7.96 5.31
CA ASP B 63 -16.61 -7.97 5.15
C ASP B 63 -17.12 -6.62 4.65
N ILE B 64 -16.41 -5.53 4.94
CA ILE B 64 -16.79 -4.24 4.38
C ILE B 64 -16.41 -4.17 2.91
N LEU B 65 -15.22 -4.66 2.56
CA LEU B 65 -14.79 -4.64 1.16
C LEU B 65 -15.71 -5.46 0.27
N TYR B 66 -16.17 -6.60 0.75
CA TYR B 66 -16.92 -7.55 -0.05
C TYR B 66 -18.43 -7.44 0.13
N ALA B 67 -18.90 -6.40 0.79
CA ALA B 67 -20.33 -6.19 0.98
C ALA B 67 -20.96 -5.56 -0.24
N THR B 68 -22.11 -6.10 -0.66
CA THR B 68 -22.88 -5.50 -1.73
C THR B 68 -23.64 -4.28 -1.21
N ASP B 69 -24.32 -3.56 -2.11
CA ASP B 69 -25.13 -2.44 -1.68
C ASP B 69 -26.37 -2.86 -0.90
N GLU B 70 -26.71 -4.15 -0.90
CA GLU B 70 -27.78 -4.67 -0.06
C GLU B 70 -27.30 -5.15 1.30
N GLY B 71 -25.99 -5.16 1.55
CA GLY B 71 -25.44 -5.60 2.81
C GLY B 71 -24.96 -7.03 2.84
N PHE B 72 -25.06 -7.76 1.72
CA PHE B 72 -24.62 -9.15 1.67
C PHE B 72 -23.15 -9.23 1.32
N VAL B 73 -22.43 -10.12 1.99
CA VAL B 73 -20.99 -10.28 1.79
C VAL B 73 -20.77 -11.39 0.77
N ILE B 74 -20.06 -11.07 -0.30
CA ILE B 74 -19.68 -12.04 -1.32
C ILE B 74 -18.16 -12.23 -1.22
N PRO B 75 -17.68 -13.35 -0.70
CA PRO B 75 -16.23 -13.51 -0.51
C PRO B 75 -15.51 -13.75 -1.83
N ASP B 76 -14.19 -13.57 -1.78
CA ASP B 76 -13.34 -13.81 -2.95
C ASP B 76 -12.10 -14.60 -2.54
N ASN C 3 -12.95 -10.39 -22.90
CA ASN C 3 -12.41 -9.33 -22.06
C ASN C 3 -12.49 -7.98 -22.79
N GLN C 4 -12.22 -6.90 -22.06
CA GLN C 4 -12.23 -5.58 -22.66
C GLN C 4 -10.98 -5.35 -23.48
N LYS C 5 -11.08 -4.45 -24.45
CA LYS C 5 -9.92 -4.08 -25.25
C LYS C 5 -8.92 -3.30 -24.39
N LEU C 6 -7.63 -3.53 -24.64
CA LEU C 6 -6.57 -2.87 -23.90
C LEU C 6 -6.42 -1.44 -24.39
N THR C 7 -6.53 -0.48 -23.48
CA THR C 7 -6.30 0.92 -23.77
C THR C 7 -5.07 1.40 -23.02
N LYS C 8 -4.47 2.49 -23.51
CA LYS C 8 -3.32 3.07 -22.82
C LYS C 8 -3.68 3.47 -21.40
N LYS C 9 -4.86 4.08 -21.22
CA LYS C 9 -5.29 4.51 -19.89
C LYS C 9 -5.45 3.33 -18.95
N ALA C 10 -6.01 2.22 -19.43
CA ALA C 10 -6.21 1.06 -18.58
C ALA C 10 -4.89 0.39 -18.23
N LEU C 11 -3.96 0.30 -19.20
CA LEU C 11 -2.64 -0.27 -18.93
C LEU C 11 -1.88 0.59 -17.93
N ILE C 12 -1.87 1.90 -18.14
CA ILE C 12 -1.16 2.80 -17.24
C ILE C 12 -1.71 2.71 -15.83
N LYS C 13 -3.05 2.69 -15.70
CA LYS C 13 -3.65 2.64 -14.37
C LYS C 13 -3.30 1.34 -13.66
N GLU C 14 -3.33 0.21 -14.38
CA GLU C 14 -3.03 -1.07 -13.74
C GLU C 14 -1.58 -1.12 -13.27
N TYR C 15 -0.65 -0.75 -14.14
CA TYR C 15 0.77 -0.89 -13.80
C TYR C 15 1.20 0.14 -12.75
N THR C 16 0.68 1.37 -12.82
CA THR C 16 1.05 2.37 -11.83
C THR C 16 0.58 1.98 -10.44
N GLU C 17 -0.61 1.39 -10.33
CA GLU C 17 -1.11 0.95 -9.02
C GLU C 17 -0.26 -0.17 -8.46
N GLU C 18 0.23 -1.07 -9.33
CA GLU C 18 1.11 -2.13 -8.89
C GLU C 18 2.46 -1.57 -8.43
N ILE C 19 3.00 -0.62 -9.20
CA ILE C 19 4.28 -0.02 -8.82
C ILE C 19 4.17 0.74 -7.51
N GLU C 20 3.07 1.45 -7.31
CA GLU C 20 2.88 2.17 -6.06
C GLU C 20 2.84 1.21 -4.87
N ARG C 21 2.29 0.02 -5.06
CA ARG C 21 2.30 -0.98 -3.98
C ARG C 21 3.71 -1.47 -3.71
N LEU C 22 4.48 -1.76 -4.75
CA LEU C 22 5.84 -2.27 -4.56
C LEU C 22 6.73 -1.23 -3.89
N LYS C 23 6.50 0.05 -4.18
CA LYS C 23 7.29 1.11 -3.54
C LYS C 23 6.98 1.22 -2.05
N ARG C 24 5.70 1.06 -1.68
CA ARG C 24 5.37 1.06 -0.26
C ARG C 24 5.91 -0.18 0.43
N ASP C 25 5.96 -1.31 -0.27
CA ASP C 25 6.61 -2.50 0.28
C ASP C 25 8.10 -2.28 0.46
N LEU C 26 8.75 -1.59 -0.48
CA LEU C 26 10.16 -1.30 -0.34
C LEU C 26 10.42 -0.37 0.84
N ALA C 27 9.59 0.67 1.00
CA ALA C 27 9.77 1.61 2.11
C ALA C 27 9.58 0.93 3.45
N ALA C 28 8.65 -0.03 3.52
CA ALA C 28 8.43 -0.75 4.78
C ALA C 28 9.59 -1.69 5.09
N LEU C 29 10.10 -2.40 4.08
CA LEU C 29 11.25 -3.26 4.31
C LEU C 29 12.51 -2.46 4.58
N GLU C 30 12.65 -1.28 3.97
CA GLU C 30 13.79 -0.42 4.28
C GLU C 30 13.79 0.00 5.74
N LYS C 31 12.63 0.45 6.23
CA LYS C 31 12.55 0.90 7.62
C LYS C 31 12.78 -0.24 8.60
N GLU C 32 12.35 -1.45 8.26
CA GLU C 32 12.54 -2.58 9.15
C GLU C 32 13.98 -3.09 9.12
N ARG C 33 14.61 -3.05 7.95
CA ARG C 33 16.00 -3.51 7.84
C ARG C 33 16.95 -2.54 8.54
N ASP C 34 16.77 -1.25 8.30
CA ASP C 34 17.60 -0.25 8.98
C ASP C 34 17.40 -0.29 10.49
N PHE C 35 16.21 -0.66 10.93
CA PHE C 35 15.96 -0.80 12.36
C PHE C 35 16.76 -1.96 12.95
N TYR C 36 16.89 -3.05 12.21
CA TYR C 36 17.68 -4.19 12.69
C TYR C 36 19.17 -3.95 12.46
N PHE C 37 19.54 -3.29 11.37
CA PHE C 37 20.94 -2.98 11.13
C PHE C 37 21.49 -2.03 12.19
N GLY C 38 20.66 -1.06 12.62
CA GLY C 38 21.11 -0.14 13.66
C GLY C 38 21.34 -0.83 14.99
N LYS C 39 20.53 -1.84 15.31
CA LYS C 39 20.75 -2.60 16.53
C LYS C 39 22.04 -3.40 16.47
N LEU C 40 22.33 -4.02 15.33
CA LEU C 40 23.57 -4.77 15.19
C LEU C 40 24.78 -3.86 15.28
N ARG C 41 24.67 -2.64 14.76
CA ARG C 41 25.79 -1.69 14.84
C ARG C 41 26.02 -1.25 16.28
N ASN C 42 24.94 -1.00 17.03
CA ASN C 42 25.10 -0.55 18.42
C ASN C 42 25.65 -1.66 19.30
N ILE C 43 25.21 -2.90 19.07
CA ILE C 43 25.74 -4.02 19.85
C ILE C 43 27.20 -4.27 19.52
N GLU C 44 27.56 -4.19 18.24
CA GLU C 44 28.96 -4.33 17.85
C GLU C 44 29.82 -3.21 18.40
N LEU C 45 29.27 -2.00 18.51
CA LEU C 45 30.00 -0.89 19.10
C LEU C 45 30.30 -1.14 20.58
N ILE C 46 29.42 -1.85 21.27
CA ILE C 46 29.67 -2.18 22.67
C ILE C 46 30.70 -3.29 22.77
N CYS C 47 30.66 -4.26 21.86
CA CYS C 47 31.62 -5.36 21.89
C CYS C 47 33.04 -4.89 21.62
N GLN C 48 33.22 -4.03 20.62
CA GLN C 48 34.56 -3.51 20.33
C GLN C 48 35.02 -2.55 21.42
N GLU C 49 34.11 -1.99 22.21
CA GLU C 49 34.51 -1.16 23.33
C GLU C 49 35.07 -2.00 24.48
N ASN C 50 34.45 -3.15 24.73
CA ASN C 50 34.93 -4.11 25.72
C ASN C 50 35.85 -5.17 25.12
N GLU C 51 36.58 -4.82 24.06
CA GLU C 51 37.43 -5.79 23.38
C GLU C 51 38.63 -6.14 24.23
N GLY C 52 38.76 -7.43 24.57
CA GLY C 52 39.85 -7.91 25.40
C GLY C 52 39.44 -8.43 26.76
N GLU C 53 38.22 -8.18 27.22
CA GLU C 53 37.80 -8.67 28.53
C GLU C 53 37.59 -10.18 28.51
N ASN C 54 37.82 -10.82 29.65
CA ASN C 54 37.55 -12.24 29.80
C ASN C 54 36.05 -12.48 29.88
N ASP C 55 35.42 -12.71 28.72
CA ASP C 55 33.97 -12.86 28.64
C ASP C 55 33.64 -13.83 27.53
N PRO C 56 33.41 -15.11 27.86
CA PRO C 56 33.01 -16.07 26.81
C PRO C 56 31.63 -15.79 26.23
N VAL C 57 30.77 -15.08 26.95
CA VAL C 57 29.45 -14.75 26.41
C VAL C 57 29.56 -13.70 25.31
N LEU C 58 30.36 -12.66 25.54
CA LEU C 58 30.58 -11.66 24.51
C LEU C 58 31.29 -12.24 23.30
N GLN C 59 32.16 -13.23 23.51
CA GLN C 59 32.78 -13.92 22.38
C GLN C 59 31.73 -14.62 21.53
N ARG C 60 30.70 -15.20 22.17
CA ARG C 60 29.62 -15.82 21.41
C ARG C 60 28.81 -14.77 20.65
N ILE C 61 28.63 -13.58 21.24
CA ILE C 61 27.90 -12.52 20.57
C ILE C 61 28.70 -11.99 19.38
N VAL C 62 30.02 -11.88 19.53
CA VAL C 62 30.86 -11.48 18.41
C VAL C 62 30.81 -12.51 17.29
N ASP C 63 30.75 -13.80 17.67
CA ASP C 63 30.60 -14.85 16.67
C ASP C 63 29.30 -14.73 15.89
N ILE C 64 28.23 -14.25 16.53
CA ILE C 64 26.95 -14.12 15.84
C ILE C 64 26.97 -12.91 14.92
N LEU C 65 27.54 -11.79 15.38
CA LEU C 65 27.58 -10.58 14.57
C LEU C 65 28.31 -10.80 13.26
N TYR C 66 29.54 -11.30 13.33
CA TYR C 66 30.33 -11.54 12.13
C TYR C 66 30.14 -12.95 11.62
N LEU D 1 10.03 10.67 -20.06
CA LEU D 1 10.45 12.04 -19.74
C LEU D 1 9.71 13.03 -20.60
N SER D 2 9.85 12.90 -21.92
CA SER D 2 9.05 13.69 -22.84
C SER D 2 7.58 13.32 -22.73
N ASN D 3 6.71 14.27 -23.09
CA ASN D 3 5.28 14.04 -23.13
C ASN D 3 4.82 13.37 -24.43
N GLN D 4 5.75 12.84 -25.21
CA GLN D 4 5.40 12.18 -26.45
C GLN D 4 4.69 10.85 -26.17
N LYS D 5 3.96 10.37 -27.17
CA LYS D 5 3.12 9.18 -27.00
C LYS D 5 3.94 7.92 -27.19
N LEU D 6 3.82 7.00 -26.25
CA LEU D 6 4.37 5.66 -26.37
C LEU D 6 3.25 4.70 -26.76
N THR D 7 3.58 3.72 -27.59
CA THR D 7 2.60 2.70 -27.96
C THR D 7 2.27 1.83 -26.76
N LYS D 8 1.15 1.11 -26.87
CA LYS D 8 0.77 0.18 -25.82
C LYS D 8 1.82 -0.90 -25.63
N LYS D 9 2.42 -1.36 -26.74
CA LYS D 9 3.49 -2.36 -26.65
C LYS D 9 4.69 -1.82 -25.88
N ALA D 10 5.05 -0.56 -26.13
CA ALA D 10 6.18 0.03 -25.41
C ALA D 10 5.86 0.26 -23.95
N LEU D 11 4.62 0.66 -23.64
CA LEU D 11 4.23 0.83 -22.25
C LEU D 11 4.33 -0.47 -21.48
N ILE D 12 3.86 -1.57 -22.07
CA ILE D 12 3.95 -2.87 -21.40
C ILE D 12 5.40 -3.22 -21.12
N LYS D 13 6.28 -3.02 -22.10
CA LYS D 13 7.70 -3.34 -21.92
C LYS D 13 8.31 -2.53 -20.79
N GLU D 14 8.08 -1.22 -20.79
CA GLU D 14 8.70 -0.37 -19.77
C GLU D 14 8.15 -0.68 -18.38
N TYR D 15 6.84 -0.88 -18.27
CA TYR D 15 6.25 -1.17 -16.97
C TYR D 15 6.66 -2.54 -16.45
N THR D 16 6.68 -3.56 -17.32
CA THR D 16 7.07 -4.90 -16.88
C THR D 16 8.54 -4.93 -16.46
N GLU D 17 9.40 -4.17 -17.13
CA GLU D 17 10.81 -4.13 -16.74
C GLU D 17 10.99 -3.42 -15.41
N GLU D 18 10.21 -2.38 -15.15
CA GLU D 18 10.31 -1.69 -13.86
C GLU D 18 9.78 -2.56 -12.73
N ILE D 19 8.70 -3.29 -12.97
CA ILE D 19 8.15 -4.17 -11.95
C ILE D 19 9.11 -5.32 -11.64
N GLU D 20 9.78 -5.85 -12.66
CA GLU D 20 10.80 -6.88 -12.43
C GLU D 20 11.92 -6.36 -11.54
N ARG D 21 12.34 -5.10 -11.77
CA ARG D 21 13.41 -4.53 -10.97
C ARG D 21 12.98 -4.33 -9.52
N LEU D 22 11.74 -3.87 -9.31
CA LEU D 22 11.26 -3.64 -7.95
C LEU D 22 11.09 -4.94 -7.18
N LYS D 23 10.57 -5.99 -7.84
CA LYS D 23 10.41 -7.26 -7.15
C LYS D 23 11.75 -7.93 -6.85
N ARG D 24 12.75 -7.70 -7.71
CA ARG D 24 14.09 -8.21 -7.43
C ARG D 24 14.71 -7.51 -6.22
N ASP D 25 14.56 -6.18 -6.14
CA ASP D 25 15.09 -5.46 -4.99
C ASP D 25 14.33 -5.77 -3.72
N LEU D 26 13.03 -6.07 -3.83
CA LEU D 26 12.24 -6.47 -2.66
C LEU D 26 12.71 -7.82 -2.13
N ALA D 27 13.02 -8.76 -3.03
CA ALA D 27 13.47 -10.08 -2.59
C ALA D 27 14.85 -9.98 -1.95
N ALA D 28 15.73 -9.14 -2.49
CA ALA D 28 17.06 -8.97 -1.90
C ALA D 28 16.99 -8.19 -0.60
N LEU D 29 16.06 -7.23 -0.48
CA LEU D 29 15.95 -6.46 0.75
C LEU D 29 15.36 -7.30 1.88
N GLU D 30 14.41 -8.17 1.55
CA GLU D 30 13.83 -9.04 2.57
C GLU D 30 14.82 -10.12 3.02
N LYS D 31 15.66 -10.60 2.10
CA LYS D 31 16.71 -11.54 2.48
C LYS D 31 17.70 -10.90 3.44
N GLU D 32 18.00 -9.61 3.23
CA GLU D 32 18.92 -8.91 4.13
C GLU D 32 18.28 -8.65 5.48
N ARG D 33 16.96 -8.43 5.51
CA ARG D 33 16.28 -8.19 6.77
C ARG D 33 16.20 -9.46 7.61
N ASP D 34 15.78 -10.58 6.99
CA ASP D 34 15.74 -11.84 7.71
C ASP D 34 17.12 -12.25 8.20
N PHE D 35 18.16 -11.89 7.44
CA PHE D 35 19.53 -12.18 7.87
C PHE D 35 19.91 -11.37 9.10
N TYR D 36 19.49 -10.11 9.16
CA TYR D 36 19.77 -9.29 10.33
C TYR D 36 18.91 -9.73 11.52
N PHE D 37 17.65 -10.08 11.26
CA PHE D 37 16.77 -10.51 12.35
C PHE D 37 17.24 -11.82 12.96
N GLY D 38 17.83 -12.71 12.15
CA GLY D 38 18.37 -13.94 12.69
C GLY D 38 19.53 -13.72 13.64
N LYS D 39 20.34 -12.69 13.38
CA LYS D 39 21.43 -12.37 14.29
C LYS D 39 20.90 -11.82 15.60
N LEU D 40 19.94 -10.91 15.55
CA LEU D 40 19.35 -10.37 16.77
C LEU D 40 18.67 -11.45 17.59
N ARG D 41 18.08 -12.45 16.92
CA ARG D 41 17.43 -13.54 17.64
C ARG D 41 18.45 -14.41 18.37
N ASN D 42 19.58 -14.70 17.72
CA ASN D 42 20.62 -15.50 18.35
C ASN D 42 21.29 -14.75 19.49
N ILE D 43 21.46 -13.43 19.35
CA ILE D 43 22.01 -12.64 20.44
C ILE D 43 21.04 -12.61 21.62
N GLU D 44 19.74 -12.54 21.33
CA GLU D 44 18.74 -12.58 22.40
C GLU D 44 18.79 -13.91 23.14
N LEU D 45 19.06 -15.01 22.42
CA LEU D 45 19.17 -16.30 23.08
C LEU D 45 20.38 -16.36 24.00
N ILE D 46 21.52 -15.84 23.55
CA ILE D 46 22.73 -15.85 24.37
C ILE D 46 22.55 -14.99 25.61
N CYS D 47 21.88 -13.84 25.45
CA CYS D 47 21.66 -12.95 26.59
C CYS D 47 20.73 -13.57 27.61
N GLN D 48 19.72 -14.32 27.15
CA GLN D 48 18.79 -14.97 28.06
C GLN D 48 19.39 -16.20 28.72
N GLU D 49 20.43 -16.80 28.13
CA GLU D 49 21.14 -17.89 28.79
C GLU D 49 21.95 -17.40 29.98
N ASN D 50 22.22 -16.10 30.06
CA ASN D 50 22.97 -15.50 31.15
C ASN D 50 22.16 -14.42 31.85
N GLU D 51 20.86 -14.67 32.02
CA GLU D 51 19.99 -13.70 32.67
C GLU D 51 20.33 -13.56 34.15
N GLY D 52 20.62 -14.67 34.81
CA GLY D 52 20.94 -14.65 36.23
C GLY D 52 22.28 -14.05 36.58
N GLU D 53 23.11 -13.75 35.58
CA GLU D 53 24.43 -13.17 35.85
C GLU D 53 24.34 -11.68 36.17
N ASN D 54 23.33 -10.98 35.63
CA ASN D 54 23.18 -9.54 35.82
C ASN D 54 24.44 -8.79 35.37
N ASP D 55 24.96 -9.17 34.21
CA ASP D 55 26.15 -8.53 33.67
C ASP D 55 25.80 -7.16 33.13
N PRO D 56 26.50 -6.10 33.54
CA PRO D 56 26.14 -4.75 33.07
C PRO D 56 26.33 -4.57 31.57
N VAL D 57 27.27 -5.28 30.96
CA VAL D 57 27.46 -5.15 29.51
C VAL D 57 26.34 -5.87 28.77
N LEU D 58 25.91 -7.02 29.27
CA LEU D 58 24.80 -7.74 28.64
C LEU D 58 23.50 -6.97 28.77
N GLN D 59 23.30 -6.27 29.89
CA GLN D 59 22.08 -5.48 30.08
C GLN D 59 22.02 -4.33 29.08
N ARG D 60 23.16 -3.79 28.66
CA ARG D 60 23.17 -2.79 27.61
C ARG D 60 22.76 -3.41 26.27
N ILE D 61 23.20 -4.65 26.02
CA ILE D 61 22.84 -5.34 24.79
C ILE D 61 21.35 -5.71 24.79
N VAL D 62 20.85 -6.20 25.92
CA VAL D 62 19.42 -6.48 26.04
C VAL D 62 18.61 -5.20 25.87
N ASP D 63 19.11 -4.09 26.40
CA ASP D 63 18.45 -2.80 26.20
C ASP D 63 18.30 -2.48 24.73
N ILE D 64 19.36 -2.71 23.95
CA ILE D 64 19.30 -2.44 22.52
C ILE D 64 18.37 -3.41 21.81
N LEU D 65 18.39 -4.68 22.22
CA LEU D 65 17.59 -5.70 21.55
C LEU D 65 16.10 -5.41 21.65
N TYR D 66 15.66 -4.86 22.78
CA TYR D 66 14.25 -4.65 23.03
C TYR D 66 13.83 -3.19 22.91
N ALA D 67 14.68 -2.33 22.34
CA ALA D 67 14.32 -0.94 22.16
C ALA D 67 13.34 -0.81 20.99
N THR D 68 12.62 0.32 20.99
CA THR D 68 11.64 0.59 19.94
C THR D 68 12.16 1.66 18.98
CA CA E . 13.52 1.89 -21.10
#